data_3I8P
#
_entry.id   3I8P
#
_cell.length_a   76.016
_cell.length_b   76.016
_cell.length_c   144.941
_cell.angle_alpha   90.000
_cell.angle_beta   90.000
_cell.angle_gamma   120.000
#
_symmetry.space_group_name_H-M   'P 31 2 1'
#
loop_
_entity.id
_entity.type
_entity.pdbx_description
1 polymer '3-oxoacyl-[acyl-carrier-protein] synthase 2'
2 non-polymer 'Platensimycin A1'
3 water water
#
_entity_poly.entity_id   1
_entity_poly.type   'polypeptide(L)'
_entity_poly.pdbx_seq_one_letter_code
;MRGSHHHHHHGSACVSKRRVVVTGLGMLSPVGNTVESTWKALLAGQSGISLIDHFDTSAYATKFAGLVKDFNCEDIISRK
EQRKMDAFIQYGIVAGVQAMQDSGLEITEENATRIGAAIGSGIGGLGLIEENHTSLMNGGPRKISPFFVPSTIVNMVAGH
LTIMYGLRGPSISIATAATSGVHNIGHAARIIAYGDADVMVAGGAEKASTPLGVGGFGAARALSTRNDNPQAASRPWDKE
RDGFVLGDGAGMLVLEEYEHAKKRGAKIYAELVGFGMSSDAYHMTSPPENGAGAALAMANALRDAGIEASQIGYVNAHGT
STPAGDKAEAQAVKTIFGEAASRVLVSSTKSMTGHLLGAAGAVESIYSILALRDQAVPPTINLDNPDEGCDLDFVPHEAR
QVSGMEYTLCNSFGFGGTNGSLIFKKI
;
_entity_poly.pdbx_strand_id   A
#
# COMPACT_ATOMS: atom_id res chain seq x y z
N LYS A 17 13.39 -25.82 2.81
CA LYS A 17 13.38 -24.36 2.60
C LYS A 17 12.10 -23.98 1.87
N ARG A 18 11.23 -23.23 2.55
CA ARG A 18 9.93 -22.88 1.98
C ARG A 18 9.81 -21.58 1.23
N ARG A 19 9.47 -21.69 -0.06
CA ARG A 19 9.29 -20.54 -0.95
C ARG A 19 7.85 -20.06 -0.87
N VAL A 20 7.65 -18.76 -1.05
CA VAL A 20 6.34 -18.14 -0.97
C VAL A 20 5.97 -17.45 -2.28
N VAL A 21 4.80 -17.78 -2.81
CA VAL A 21 4.33 -17.17 -4.06
C VAL A 21 3.04 -16.43 -3.84
N VAL A 22 2.63 -15.64 -4.82
CA VAL A 22 1.41 -14.85 -4.76
C VAL A 22 0.39 -15.51 -5.68
N THR A 23 -0.76 -15.86 -5.12
CA THR A 23 -1.78 -16.59 -5.88
C THR A 23 -3.13 -15.92 -5.99
N GLY A 24 -3.28 -14.74 -5.41
CA GLY A 24 -4.56 -14.04 -5.48
C GLY A 24 -4.32 -12.58 -5.23
N LEU A 25 -5.11 -11.74 -5.89
CA LEU A 25 -4.96 -10.28 -5.76
C LEU A 25 -6.34 -9.63 -5.59
N GLY A 26 -6.41 -8.58 -4.77
CA GLY A 26 -7.66 -7.86 -4.55
C GLY A 26 -7.33 -6.39 -4.34
N MET A 27 -8.17 -5.46 -4.80
CA MET A 27 -7.82 -4.04 -4.66
C MET A 27 -8.95 -3.04 -4.93
N LEU A 28 -8.96 -1.97 -4.14
CA LEU A 28 -9.86 -0.84 -4.35
C LEU A 28 -8.89 0.34 -4.33
N SER A 29 -8.98 1.22 -5.32
CA SER A 29 -8.07 2.38 -5.36
C SER A 29 -8.76 3.60 -5.96
N PRO A 30 -8.10 4.74 -5.92
CA PRO A 30 -8.76 5.92 -6.52
C PRO A 30 -8.88 5.85 -8.06
N VAL A 31 -8.26 4.85 -8.68
CA VAL A 31 -8.32 4.74 -10.15
C VAL A 31 -9.02 3.46 -10.62
N GLY A 32 -9.61 2.72 -9.68
CA GLY A 32 -10.32 1.51 -10.07
C GLY A 32 -10.75 0.68 -8.89
N ASN A 33 -11.85 -0.05 -9.06
CA ASN A 33 -12.39 -0.86 -7.98
C ASN A 33 -12.08 -2.34 -8.09
N THR A 34 -11.15 -2.68 -8.99
CA THR A 34 -10.68 -4.05 -9.17
C THR A 34 -9.20 -3.91 -9.45
N VAL A 35 -8.50 -5.03 -9.40
CA VAL A 35 -7.08 -5.10 -9.68
C VAL A 35 -6.77 -4.69 -11.14
N GLU A 36 -7.42 -5.35 -12.10
CA GLU A 36 -7.16 -5.06 -13.52
C GLU A 36 -7.59 -3.64 -13.97
N SER A 37 -8.71 -3.14 -13.45
CA SER A 37 -9.14 -1.77 -13.82
C SER A 37 -8.15 -0.74 -13.26
N THR A 38 -7.66 -1.00 -12.04
CA THR A 38 -6.67 -0.09 -11.45
C THR A 38 -5.37 -0.09 -12.29
N TRP A 39 -4.85 -1.27 -12.58
CA TRP A 39 -3.61 -1.41 -13.35
C TRP A 39 -3.75 -0.79 -14.73
N LYS A 40 -4.88 -1.01 -15.37
CA LYS A 40 -5.09 -0.45 -16.70
C LYS A 40 -4.99 1.08 -16.62
N ALA A 41 -5.62 1.66 -15.61
CA ALA A 41 -5.62 3.11 -15.43
C ALA A 41 -4.21 3.64 -15.18
N LEU A 42 -3.45 2.93 -14.36
CA LEU A 42 -2.07 3.36 -14.01
C LEU A 42 -1.16 3.34 -15.23
N LEU A 43 -1.25 2.27 -16.02
CA LEU A 43 -0.40 2.17 -17.22
C LEU A 43 -0.78 3.30 -18.20
N ALA A 44 -2.04 3.72 -18.16
CA ALA A 44 -2.54 4.79 -19.02
C ALA A 44 -2.23 6.22 -18.52
N GLY A 45 -1.63 6.35 -17.33
CA GLY A 45 -1.29 7.64 -16.72
C GLY A 45 -2.45 8.44 -16.16
N GLN A 46 -3.56 7.76 -15.84
CA GLN A 46 -4.74 8.47 -15.32
C GLN A 46 -4.65 8.81 -13.82
N SER A 47 -5.01 10.03 -13.49
CA SER A 47 -5.04 10.47 -12.10
C SER A 47 -6.38 10.07 -11.48
N GLY A 48 -6.34 9.71 -10.21
CA GLY A 48 -7.56 9.38 -9.50
C GLY A 48 -7.89 10.43 -8.46
N ILE A 49 -7.27 11.59 -8.56
CA ILE A 49 -7.48 12.68 -7.57
C ILE A 49 -8.63 13.63 -7.92
N SER A 50 -9.44 13.96 -6.92
CA SER A 50 -10.54 14.88 -7.19
C SER A 50 -10.88 15.67 -5.93
N LEU A 51 -11.73 16.68 -6.10
CA LEU A 51 -12.16 17.52 -4.98
C LEU A 51 -13.07 16.73 -4.04
N ILE A 52 -12.86 16.93 -2.75
CA ILE A 52 -13.67 16.26 -1.74
C ILE A 52 -15.06 16.88 -1.69
N ASP A 53 -16.08 16.04 -1.62
CA ASP A 53 -17.45 16.54 -1.48
C ASP A 53 -18.21 15.99 -0.29
N HIS A 54 -17.65 15.02 0.42
CA HIS A 54 -18.37 14.40 1.55
C HIS A 54 -18.32 15.16 2.89
N PHE A 55 -17.50 16.19 2.96
CA PHE A 55 -17.46 17.08 4.11
C PHE A 55 -17.13 18.48 3.58
N ASP A 56 -17.51 19.51 4.32
CA ASP A 56 -17.29 20.91 3.89
C ASP A 56 -15.81 21.29 4.09
N THR A 57 -15.12 21.56 2.98
CA THR A 57 -13.69 21.84 2.98
C THR A 57 -13.35 23.31 3.00
N SER A 58 -14.36 24.17 3.18
CA SER A 58 -14.12 25.63 3.18
C SER A 58 -12.95 26.04 4.03
N ALA A 59 -12.88 25.54 5.26
CA ALA A 59 -11.80 25.93 6.18
C ALA A 59 -10.50 25.14 6.00
N TYR A 60 -10.51 24.13 5.12
CA TYR A 60 -9.33 23.28 4.94
C TYR A 60 -8.34 23.78 3.92
N ALA A 61 -7.05 23.70 4.26
CA ALA A 61 -6.02 24.13 3.33
C ALA A 61 -5.94 23.19 2.12
N THR A 62 -6.28 21.92 2.33
CA THR A 62 -6.28 20.90 1.25
C THR A 62 -7.73 20.47 1.05
N LYS A 63 -8.22 20.53 -0.18
CA LYS A 63 -9.63 20.27 -0.44
C LYS A 63 -9.88 19.13 -1.42
N PHE A 64 -8.85 18.33 -1.63
CA PHE A 64 -8.90 17.22 -2.57
C PHE A 64 -8.20 15.97 -2.04
N ALA A 65 -8.46 14.82 -2.68
CA ALA A 65 -7.86 13.54 -2.26
C ALA A 65 -8.13 12.49 -3.34
N GLY A 66 -7.53 11.32 -3.21
CA GLY A 66 -7.76 10.18 -4.08
C GLY A 66 -8.84 9.36 -3.39
N LEU A 67 -10.08 9.53 -3.85
CA LEU A 67 -11.24 8.83 -3.30
C LEU A 67 -11.62 7.56 -4.09
N VAL A 68 -12.19 6.58 -3.40
CA VAL A 68 -12.69 5.38 -4.06
C VAL A 68 -14.03 5.82 -4.62
N LYS A 69 -14.21 5.65 -5.92
CA LYS A 69 -15.46 6.08 -6.55
C LYS A 69 -16.52 4.97 -6.53
N ASP A 70 -17.75 5.31 -6.16
CA ASP A 70 -18.85 4.33 -6.16
C ASP A 70 -18.54 2.99 -5.51
N PHE A 71 -17.97 3.03 -4.30
CA PHE A 71 -17.66 1.80 -3.56
C PHE A 71 -18.95 0.99 -3.40
N ASN A 72 -18.89 -0.29 -3.69
CA ASN A 72 -20.07 -1.14 -3.57
C ASN A 72 -19.77 -2.44 -2.82
N CYS A 73 -20.50 -2.72 -1.74
CA CYS A 73 -20.24 -3.97 -1.03
C CYS A 73 -21.54 -4.75 -0.83
N GLU A 74 -22.61 -4.32 -1.50
CA GLU A 74 -23.94 -4.93 -1.34
C GLU A 74 -24.01 -6.45 -1.26
N ASP A 75 -23.36 -7.11 -2.19
CA ASP A 75 -23.36 -8.57 -2.23
C ASP A 75 -22.25 -9.23 -1.39
N ILE A 76 -21.43 -8.43 -0.73
CA ILE A 76 -20.27 -8.95 0.00
C ILE A 76 -20.36 -8.84 1.50
N ILE A 77 -20.83 -7.69 1.96
CA ILE A 77 -20.99 -7.48 3.40
C ILE A 77 -22.48 -7.27 3.62
N SER A 78 -23.08 -8.01 4.54
CA SER A 78 -24.52 -7.88 4.84
C SER A 78 -24.88 -6.49 5.42
N ARG A 79 -26.16 -6.11 5.34
CA ARG A 79 -26.57 -4.81 5.89
C ARG A 79 -26.31 -4.76 7.41
N LYS A 80 -26.55 -5.89 8.07
CA LYS A 80 -26.35 -6.01 9.52
C LYS A 80 -24.89 -5.77 9.89
N GLU A 81 -23.98 -6.35 9.11
CA GLU A 81 -22.56 -6.19 9.38
C GLU A 81 -22.00 -4.82 8.99
N GLN A 82 -22.48 -4.23 7.91
CA GLN A 82 -21.96 -2.94 7.47
C GLN A 82 -22.00 -1.87 8.52
N ARG A 83 -23.10 -1.81 9.28
CA ARG A 83 -23.22 -0.75 10.29
C ARG A 83 -22.24 -0.90 11.46
N LYS A 84 -21.51 -2.01 11.51
CA LYS A 84 -20.56 -2.24 12.61
C LYS A 84 -19.12 -1.92 12.25
N MET A 85 -18.93 -1.33 11.07
CA MET A 85 -17.56 -1.08 10.57
C MET A 85 -17.27 0.25 9.93
N ASP A 86 -16.11 0.82 10.24
CA ASP A 86 -15.69 2.05 9.61
C ASP A 86 -15.42 1.72 8.14
N ALA A 87 -15.47 2.72 7.28
CA ALA A 87 -15.19 2.55 5.85
C ALA A 87 -13.88 1.79 5.57
N PHE A 88 -12.82 2.00 6.36
CA PHE A 88 -11.57 1.28 6.04
C PHE A 88 -11.69 -0.22 6.15
N ILE A 89 -12.46 -0.69 7.12
CA ILE A 89 -12.70 -2.12 7.30
C ILE A 89 -13.56 -2.60 6.10
N GLN A 90 -14.56 -1.82 5.70
CA GLN A 90 -15.40 -2.22 4.56
C GLN A 90 -14.52 -2.41 3.32
N TYR A 91 -13.64 -1.43 3.07
CA TYR A 91 -12.71 -1.51 1.90
C TYR A 91 -11.80 -2.74 2.05
N GLY A 92 -11.24 -2.94 3.23
CA GLY A 92 -10.36 -4.07 3.43
C GLY A 92 -11.04 -5.41 3.19
N ILE A 93 -12.27 -5.55 3.67
CA ILE A 93 -13.02 -6.79 3.47
C ILE A 93 -13.30 -7.04 1.97
N VAL A 94 -13.77 -6.03 1.26
CA VAL A 94 -14.07 -6.17 -0.17
C VAL A 94 -12.82 -6.58 -0.94
N ALA A 95 -11.72 -5.88 -0.70
CA ALA A 95 -10.47 -6.25 -1.35
C ALA A 95 -10.00 -7.65 -0.97
N GLY A 96 -10.18 -8.04 0.29
CA GLY A 96 -9.79 -9.35 0.77
C GLY A 96 -10.61 -10.48 0.13
N VAL A 97 -11.91 -10.23 -0.05
CA VAL A 97 -12.79 -11.19 -0.71
C VAL A 97 -12.33 -11.34 -2.16
N GLN A 98 -12.05 -10.21 -2.82
CA GLN A 98 -11.58 -10.25 -4.21
C GLN A 98 -10.36 -11.15 -4.29
N ALA A 99 -9.40 -10.97 -3.38
CA ALA A 99 -8.18 -11.77 -3.43
C ALA A 99 -8.45 -13.26 -3.18
N MET A 100 -9.28 -13.55 -2.18
CA MET A 100 -9.60 -14.93 -1.82
C MET A 100 -10.31 -15.61 -3.01
N GLN A 101 -11.24 -14.91 -3.63
CA GLN A 101 -11.95 -15.45 -4.79
C GLN A 101 -11.01 -15.66 -5.98
N ASP A 102 -10.11 -14.69 -6.19
CA ASP A 102 -9.12 -14.77 -7.26
C ASP A 102 -8.19 -15.97 -7.06
N SER A 103 -7.88 -16.29 -5.80
CA SER A 103 -6.97 -17.40 -5.52
C SER A 103 -7.56 -18.76 -5.87
N GLY A 104 -8.87 -18.87 -5.78
CA GLY A 104 -9.55 -20.13 -6.04
C GLY A 104 -9.38 -21.11 -4.90
N LEU A 105 -8.77 -20.68 -3.80
CA LEU A 105 -8.57 -21.56 -2.65
C LEU A 105 -9.91 -21.99 -2.02
N GLU A 106 -10.00 -23.26 -1.64
CA GLU A 106 -11.22 -23.76 -1.01
C GLU A 106 -10.83 -24.08 0.43
N ILE A 107 -11.53 -23.48 1.38
CA ILE A 107 -11.20 -23.71 2.78
C ILE A 107 -11.90 -24.97 3.28
N THR A 108 -11.17 -25.82 3.99
CA THR A 108 -11.73 -27.06 4.53
C THR A 108 -11.41 -27.15 6.02
N GLU A 109 -12.00 -28.15 6.67
CA GLU A 109 -11.75 -28.38 8.08
C GLU A 109 -10.29 -28.74 8.25
N GLU A 110 -9.73 -29.42 7.26
CA GLU A 110 -8.33 -29.82 7.27
C GLU A 110 -7.36 -28.67 7.07
N ASN A 111 -7.78 -27.69 6.27
CA ASN A 111 -7.04 -26.50 5.86
C ASN A 111 -7.07 -25.30 6.76
N ALA A 112 -8.23 -25.12 7.39
CA ALA A 112 -8.53 -23.92 8.16
C ALA A 112 -7.44 -23.40 9.08
N THR A 113 -6.80 -24.35 9.74
CA THR A 113 -5.78 -24.14 10.75
C THR A 113 -4.43 -23.65 10.15
N ARG A 114 -4.29 -23.80 8.85
CA ARG A 114 -3.06 -23.44 8.16
C ARG A 114 -3.20 -22.18 7.27
N ILE A 115 -4.34 -21.49 7.39
CA ILE A 115 -4.60 -20.29 6.58
C ILE A 115 -4.89 -19.14 7.54
N GLY A 116 -4.15 -18.04 7.41
CA GLY A 116 -4.33 -16.91 8.29
C GLY A 116 -4.35 -15.59 7.55
N ALA A 117 -4.08 -14.52 8.30
CA ALA A 117 -4.13 -13.16 7.75
C ALA A 117 -3.14 -12.21 8.41
N ALA A 118 -2.54 -11.31 7.63
CA ALA A 118 -1.64 -10.28 8.19
C ALA A 118 -2.10 -9.00 7.50
N ILE A 119 -3.00 -8.27 8.13
CA ILE A 119 -3.58 -7.08 7.49
C ILE A 119 -3.64 -5.93 8.48
N GLY A 120 -3.16 -4.76 8.08
CA GLY A 120 -3.15 -3.58 8.92
C GLY A 120 -3.68 -2.32 8.25
N SER A 121 -3.40 -1.20 8.92
CA SER A 121 -3.83 0.12 8.52
C SER A 121 -2.94 1.07 9.30
N GLY A 122 -2.68 2.26 8.76
CA GLY A 122 -1.83 3.23 9.46
C GLY A 122 -2.59 3.98 10.55
N ILE A 123 -3.82 4.40 10.23
CA ILE A 123 -4.61 5.20 11.17
C ILE A 123 -5.94 4.58 11.57
N GLY A 124 -6.44 3.64 10.77
CA GLY A 124 -7.71 3.04 11.17
C GLY A 124 -8.98 3.85 11.02
N GLY A 125 -9.98 3.55 11.83
CA GLY A 125 -11.31 4.11 11.68
C GLY A 125 -11.56 5.56 12.05
N LEU A 126 -10.91 6.49 11.35
CA LEU A 126 -11.11 7.91 11.66
C LEU A 126 -12.56 8.35 11.57
N GLY A 127 -13.27 7.92 10.53
CA GLY A 127 -14.66 8.35 10.37
C GLY A 127 -15.54 8.01 11.56
N LEU A 128 -15.39 6.78 12.06
CA LEU A 128 -16.20 6.38 13.21
C LEU A 128 -15.68 6.91 14.56
N ILE A 129 -14.39 7.23 14.62
CA ILE A 129 -13.83 7.84 15.84
C ILE A 129 -14.49 9.22 15.92
N GLU A 130 -14.50 9.93 14.78
CA GLU A 130 -15.10 11.25 14.75
C GLU A 130 -16.57 11.19 15.09
N GLU A 131 -17.26 10.22 14.49
CA GLU A 131 -18.69 10.08 14.78
C GLU A 131 -18.95 9.83 16.27
N ASN A 132 -18.21 8.89 16.86
CA ASN A 132 -18.42 8.57 18.27
C ASN A 132 -18.01 9.71 19.17
N HIS A 133 -16.92 10.37 18.84
CA HIS A 133 -16.49 11.48 19.69
C HIS A 133 -17.48 12.66 19.61
N THR A 134 -18.02 12.90 18.42
CA THR A 134 -19.04 13.97 18.25
C THR A 134 -20.24 13.66 19.14
N SER A 135 -20.67 12.39 19.12
CA SER A 135 -21.81 11.92 19.92
C SER A 135 -21.56 12.13 21.41
N LEU A 136 -20.35 11.77 21.86
CA LEU A 136 -19.96 11.94 23.25
C LEU A 136 -19.99 13.42 23.62
N MET A 137 -19.41 14.25 22.78
CA MET A 137 -19.41 15.68 23.07
C MET A 137 -20.82 16.25 23.16
N ASN A 138 -21.72 15.79 22.29
CA ASN A 138 -23.09 16.32 22.22
C ASN A 138 -24.04 15.76 23.25
N GLY A 139 -23.88 14.50 23.64
CA GLY A 139 -24.81 13.88 24.56
C GLY A 139 -24.27 12.93 25.60
N GLY A 140 -22.97 13.00 25.87
CA GLY A 140 -22.41 12.13 26.87
C GLY A 140 -22.12 10.71 26.41
N PRO A 141 -21.44 9.95 27.28
CA PRO A 141 -21.01 8.57 27.05
C PRO A 141 -22.13 7.64 26.67
N ARG A 142 -23.37 7.97 27.07
CA ARG A 142 -24.51 7.13 26.71
C ARG A 142 -24.71 7.08 25.20
N LYS A 143 -24.19 8.07 24.49
CA LYS A 143 -24.39 8.14 23.04
C LYS A 143 -23.28 7.46 22.23
N ILE A 144 -22.30 6.91 22.92
CA ILE A 144 -21.24 6.21 22.23
C ILE A 144 -21.81 4.87 21.75
N SER A 145 -21.48 4.48 20.53
CA SER A 145 -21.96 3.21 19.99
C SER A 145 -21.31 1.99 20.67
N PRO A 146 -22.08 0.91 20.86
CA PRO A 146 -21.52 -0.32 21.43
C PRO A 146 -20.38 -0.79 20.51
N PHE A 147 -20.45 -0.44 19.22
CA PHE A 147 -19.43 -0.83 18.23
C PHE A 147 -18.21 0.07 18.12
N PHE A 148 -18.12 1.12 18.93
CA PHE A 148 -16.98 2.02 18.84
C PHE A 148 -15.62 1.31 18.70
N VAL A 149 -15.29 0.40 19.62
CA VAL A 149 -13.99 -0.26 19.56
C VAL A 149 -13.82 -1.19 18.36
N PRO A 150 -14.69 -2.20 18.20
CA PRO A 150 -14.51 -3.13 17.07
C PRO A 150 -14.76 -2.54 15.68
N SER A 151 -15.28 -1.33 15.65
CA SER A 151 -15.55 -0.67 14.37
C SER A 151 -14.39 0.23 13.91
N THR A 152 -13.44 0.51 14.82
CA THR A 152 -12.35 1.45 14.51
C THR A 152 -10.93 0.91 14.60
N ILE A 153 -10.69 -0.08 15.46
CA ILE A 153 -9.31 -0.56 15.65
C ILE A 153 -8.68 -1.26 14.47
N VAL A 154 -7.37 -1.10 14.32
CA VAL A 154 -6.63 -1.55 13.14
C VAL A 154 -6.75 -2.99 12.71
N ASN A 155 -6.85 -3.90 13.68
CA ASN A 155 -6.87 -5.32 13.38
C ASN A 155 -8.23 -5.90 12.96
N MET A 156 -9.23 -5.04 12.80
CA MET A 156 -10.61 -5.48 12.52
C MET A 156 -10.84 -6.02 11.10
N VAL A 157 -9.99 -5.65 10.13
CA VAL A 157 -10.13 -6.23 8.78
C VAL A 157 -9.76 -7.71 8.85
N ALA A 158 -8.63 -8.00 9.49
CA ALA A 158 -8.18 -9.38 9.68
C ALA A 158 -9.28 -10.15 10.46
N GLY A 159 -9.82 -9.53 11.50
CA GLY A 159 -10.85 -10.17 12.31
C GLY A 159 -12.05 -10.57 11.44
N HIS A 160 -12.62 -9.62 10.71
CA HIS A 160 -13.78 -9.96 9.86
C HIS A 160 -13.49 -11.01 8.80
N LEU A 161 -12.33 -10.91 8.14
CA LEU A 161 -12.06 -11.84 7.06
C LEU A 161 -11.85 -13.25 7.57
N THR A 162 -11.23 -13.39 8.74
CA THR A 162 -11.03 -14.74 9.28
C THR A 162 -12.36 -15.38 9.62
N ILE A 163 -13.26 -14.57 10.17
CA ILE A 163 -14.59 -15.06 10.52
C ILE A 163 -15.36 -15.42 9.26
N MET A 164 -15.32 -14.53 8.28
CA MET A 164 -16.04 -14.77 7.03
C MET A 164 -15.60 -16.02 6.30
N TYR A 165 -14.30 -16.29 6.28
CA TYR A 165 -13.76 -17.47 5.58
C TYR A 165 -13.48 -18.70 6.44
N GLY A 166 -13.63 -18.61 7.76
CA GLY A 166 -13.33 -19.75 8.63
C GLY A 166 -11.83 -19.98 8.80
N LEU A 167 -11.03 -18.91 8.70
CA LEU A 167 -9.57 -19.01 8.81
C LEU A 167 -9.18 -19.11 10.28
N ARG A 168 -8.48 -20.18 10.63
CA ARG A 168 -8.09 -20.41 12.02
C ARG A 168 -6.60 -20.28 12.28
N GLY A 169 -5.83 -20.02 11.22
CA GLY A 169 -4.39 -19.86 11.35
C GLY A 169 -4.01 -18.53 11.97
N PRO A 170 -2.71 -18.21 11.95
CA PRO A 170 -2.20 -16.98 12.56
C PRO A 170 -2.82 -15.76 11.95
N SER A 171 -3.16 -14.80 12.82
CA SER A 171 -3.66 -13.52 12.36
C SER A 171 -2.93 -12.40 13.11
N ILE A 172 -2.30 -11.48 12.36
CA ILE A 172 -1.62 -10.35 12.97
C ILE A 172 -2.01 -9.12 12.16
N SER A 173 -1.74 -7.95 12.71
CA SER A 173 -2.00 -6.70 12.02
C SER A 173 -0.89 -5.73 12.40
N ILE A 174 -0.04 -5.38 11.43
CA ILE A 174 1.05 -4.43 11.67
C ILE A 174 0.56 -3.05 11.29
N ALA A 175 0.73 -2.11 12.21
CA ALA A 175 0.33 -0.72 12.00
C ALA A 175 1.61 0.12 12.13
N THR A 176 2.27 0.41 10.99
CA THR A 176 3.55 1.16 10.95
C THR A 176 3.40 2.31 9.96
N ALA A 177 2.29 3.02 10.09
CA ALA A 177 1.98 4.18 9.24
C ALA A 177 2.09 3.73 7.79
N ALA A 178 2.75 4.51 6.93
CA ALA A 178 2.88 4.14 5.51
C ALA A 178 3.68 2.87 5.22
N THR A 179 4.36 2.33 6.23
CA THR A 179 5.11 1.10 5.98
C THR A 179 4.24 -0.16 6.16
N SER A 180 3.05 0.02 6.69
CA SER A 180 2.17 -1.11 7.04
C SER A 180 1.98 -2.16 5.94
N GLY A 181 1.63 -1.70 4.75
CA GLY A 181 1.36 -2.66 3.67
C GLY A 181 2.51 -3.60 3.41
N VAL A 182 3.72 -3.04 3.36
CA VAL A 182 4.90 -3.83 3.11
C VAL A 182 5.21 -4.71 4.31
N HIS A 183 5.12 -4.19 5.55
CA HIS A 183 5.43 -5.03 6.71
C HIS A 183 4.48 -6.21 6.82
N ASN A 184 3.21 -5.96 6.54
CA ASN A 184 2.22 -7.02 6.68
C ASN A 184 2.47 -8.12 5.66
N ILE A 185 2.74 -7.73 4.43
CA ILE A 185 3.01 -8.71 3.38
C ILE A 185 4.29 -9.48 3.71
N GLY A 186 5.34 -8.74 4.08
CA GLY A 186 6.62 -9.35 4.45
C GLY A 186 6.52 -10.33 5.62
N HIS A 187 5.81 -9.97 6.69
CA HIS A 187 5.69 -10.90 7.83
C HIS A 187 4.73 -12.07 7.56
N ALA A 188 3.79 -11.87 6.65
CA ALA A 188 2.91 -13.01 6.28
C ALA A 188 3.80 -14.05 5.59
N ALA A 189 4.73 -13.56 4.78
CA ALA A 189 5.66 -14.44 4.05
C ALA A 189 6.57 -15.15 5.05
N ARG A 190 7.09 -14.41 6.01
CA ARG A 190 7.94 -14.99 7.05
C ARG A 190 7.16 -16.09 7.78
N ILE A 191 5.90 -15.80 8.14
CA ILE A 191 5.06 -16.77 8.87
C ILE A 191 4.93 -18.07 8.04
N ILE A 192 4.72 -17.92 6.73
CA ILE A 192 4.58 -19.10 5.87
C ILE A 192 5.91 -19.86 5.79
N ALA A 193 6.98 -19.12 5.51
CA ALA A 193 8.29 -19.72 5.39
C ALA A 193 8.75 -20.39 6.67
N TYR A 194 8.33 -19.85 7.81
CA TYR A 194 8.70 -20.41 9.11
C TYR A 194 7.98 -21.74 9.30
N GLY A 195 6.81 -21.88 8.69
CA GLY A 195 6.00 -23.09 8.78
C GLY A 195 4.75 -22.94 9.63
N ASP A 196 4.46 -21.72 10.07
CA ASP A 196 3.27 -21.47 10.90
C ASP A 196 1.97 -21.40 10.11
N ALA A 197 2.09 -21.39 8.79
CA ALA A 197 0.91 -21.33 7.92
C ALA A 197 1.33 -21.74 6.51
N ASP A 198 0.36 -22.14 5.69
CA ASP A 198 0.67 -22.47 4.29
C ASP A 198 0.11 -21.37 3.40
N VAL A 199 -0.88 -20.63 3.93
CA VAL A 199 -1.52 -19.54 3.18
C VAL A 199 -1.79 -18.35 4.09
N MET A 200 -1.66 -17.14 3.54
CA MET A 200 -1.98 -15.95 4.32
C MET A 200 -2.57 -14.91 3.38
N VAL A 201 -3.65 -14.26 3.78
CA VAL A 201 -4.19 -13.13 3.02
C VAL A 201 -3.50 -11.95 3.72
N ALA A 202 -2.81 -11.11 2.97
CA ALA A 202 -2.09 -9.98 3.58
C ALA A 202 -2.24 -8.68 2.83
N GLY A 203 -2.15 -7.57 3.55
CA GLY A 203 -2.22 -6.26 2.90
C GLY A 203 -2.59 -5.16 3.88
N GLY A 204 -3.32 -4.16 3.39
CA GLY A 204 -3.69 -3.03 4.23
C GLY A 204 -4.86 -2.28 3.64
N ALA A 205 -5.50 -1.46 4.44
CA ALA A 205 -6.68 -0.71 4.02
C ALA A 205 -6.66 0.62 4.78
N GLU A 206 -7.16 1.66 4.13
CA GLU A 206 -7.17 2.98 4.71
C GLU A 206 -8.27 3.85 4.11
N LYS A 207 -8.87 4.67 4.96
CA LYS A 207 -9.85 5.68 4.54
C LYS A 207 -9.64 6.87 5.48
N ALA A 208 -8.57 7.61 5.24
CA ALA A 208 -8.24 8.73 6.11
C ALA A 208 -8.66 10.09 5.54
N SER A 209 -9.49 10.05 4.49
CA SER A 209 -9.98 11.30 3.88
C SER A 209 -11.16 11.84 4.69
N THR A 210 -10.85 12.26 5.92
CA THR A 210 -11.86 12.77 6.85
C THR A 210 -11.37 14.09 7.43
N PRO A 211 -12.22 14.81 8.17
CA PRO A 211 -11.77 16.07 8.79
C PRO A 211 -10.48 15.89 9.61
N LEU A 212 -10.38 14.83 10.45
CA LEU A 212 -9.13 14.64 11.22
C LEU A 212 -7.94 14.24 10.34
N GLY A 213 -8.19 13.41 9.33
CA GLY A 213 -7.12 12.96 8.42
C GLY A 213 -6.57 14.12 7.60
N VAL A 214 -7.46 14.84 6.92
CA VAL A 214 -7.07 15.97 6.09
C VAL A 214 -6.57 17.14 6.94
N GLY A 215 -7.33 17.43 7.99
CA GLY A 215 -6.95 18.48 8.91
C GLY A 215 -5.67 18.15 9.66
N GLY A 216 -5.49 16.89 10.05
CA GLY A 216 -4.32 16.43 10.80
C GLY A 216 -3.01 16.42 10.02
N PHE A 217 -3.04 15.83 8.83
CA PHE A 217 -1.83 15.84 8.01
C PHE A 217 -1.59 17.26 7.51
N GLY A 218 -2.66 18.03 7.32
CA GLY A 218 -2.57 19.43 6.90
C GLY A 218 -1.92 20.25 8.00
N ALA A 219 -2.26 19.97 9.27
CA ALA A 219 -1.66 20.71 10.40
C ALA A 219 -0.16 20.47 10.46
N ALA A 220 0.28 19.31 9.96
CA ALA A 220 1.70 18.97 9.97
C ALA A 220 2.45 19.57 8.78
N ARG A 221 1.75 20.33 7.94
CA ARG A 221 2.33 20.94 6.72
C ARG A 221 2.87 19.85 5.78
N ALA A 222 2.18 18.72 5.78
CA ALA A 222 2.59 17.57 4.98
C ALA A 222 1.84 17.38 3.66
N LEU A 223 0.71 18.06 3.50
CA LEU A 223 -0.09 17.87 2.29
C LEU A 223 0.07 18.97 1.27
N SER A 224 -0.09 18.60 0.01
CA SER A 224 -0.09 19.57 -1.07
C SER A 224 -1.37 20.41 -0.89
N THR A 225 -1.29 21.69 -1.22
CA THR A 225 -2.46 22.56 -1.13
C THR A 225 -2.80 23.10 -2.54
N ARG A 226 -2.40 22.37 -3.58
CA ARG A 226 -2.68 22.83 -4.95
C ARG A 226 -4.15 22.58 -5.32
N ASN A 227 -5.06 23.28 -4.64
CA ASN A 227 -6.49 23.10 -4.86
C ASN A 227 -6.99 23.42 -6.26
N ASP A 228 -6.30 24.33 -6.94
CA ASP A 228 -6.72 24.76 -8.28
C ASP A 228 -6.39 23.77 -9.39
N ASN A 229 -5.63 22.73 -9.07
CA ASN A 229 -5.30 21.70 -10.04
C ASN A 229 -5.00 20.41 -9.30
N PRO A 230 -6.03 19.78 -8.72
CA PRO A 230 -5.81 18.55 -7.93
C PRO A 230 -5.03 17.46 -8.62
N GLN A 231 -5.28 17.26 -9.92
CA GLN A 231 -4.61 16.18 -10.65
C GLN A 231 -3.12 16.42 -10.89
N ALA A 232 -2.69 17.66 -10.75
CA ALA A 232 -1.27 17.99 -10.92
C ALA A 232 -0.56 18.10 -9.55
N ALA A 233 -1.29 18.00 -8.45
CA ALA A 233 -0.71 18.17 -7.11
C ALA A 233 0.38 17.17 -6.74
N SER A 234 0.09 15.89 -6.93
CA SER A 234 1.03 14.83 -6.63
C SER A 234 2.06 14.74 -7.75
N ARG A 235 3.27 15.21 -7.46
CA ARG A 235 4.32 15.31 -8.46
C ARG A 235 5.71 14.98 -7.90
N PRO A 236 5.94 13.70 -7.57
CA PRO A 236 7.20 13.23 -6.98
C PRO A 236 8.41 13.64 -7.78
N TRP A 237 9.43 14.17 -7.08
CA TRP A 237 10.70 14.62 -7.69
C TRP A 237 10.61 15.87 -8.54
N ASP A 238 9.41 16.44 -8.66
CA ASP A 238 9.24 17.69 -9.43
C ASP A 238 9.55 18.89 -8.56
N LYS A 239 10.26 19.87 -9.12
CA LYS A 239 10.65 21.05 -8.34
C LYS A 239 9.52 21.82 -7.67
N GLU A 240 8.30 21.73 -8.20
CA GLU A 240 7.18 22.47 -7.64
C GLU A 240 6.34 21.65 -6.65
N ARG A 241 6.80 20.44 -6.30
CA ARG A 241 6.02 19.63 -5.36
C ARG A 241 5.86 20.37 -4.04
N ASP A 242 4.75 20.13 -3.34
CA ASP A 242 4.50 20.79 -2.08
C ASP A 242 3.81 19.91 -1.05
N GLY A 243 4.12 18.61 -1.06
CA GLY A 243 3.53 17.69 -0.08
C GLY A 243 2.71 16.59 -0.72
N PHE A 244 2.34 15.60 0.10
CA PHE A 244 1.61 14.45 -0.43
C PHE A 244 0.14 14.67 -0.61
N VAL A 245 -0.46 13.77 -1.36
CA VAL A 245 -1.88 13.78 -1.63
C VAL A 245 -2.48 12.53 -0.97
N LEU A 246 -3.46 12.73 -0.10
CA LEU A 246 -4.06 11.63 0.61
C LEU A 246 -4.90 10.80 -0.37
N GLY A 247 -4.79 9.48 -0.28
CA GLY A 247 -5.53 8.54 -1.10
C GLY A 247 -6.14 7.44 -0.23
N ASP A 248 -7.30 6.94 -0.61
CA ASP A 248 -8.01 5.88 0.13
C ASP A 248 -8.01 4.56 -0.67
N GLY A 249 -8.18 3.45 0.03
CA GLY A 249 -8.30 2.18 -0.68
C GLY A 249 -7.80 1.00 0.10
N ALA A 250 -7.57 -0.09 -0.61
CA ALA A 250 -7.07 -1.30 0.04
C ALA A 250 -6.40 -2.20 -0.99
N GLY A 251 -5.41 -2.94 -0.55
CA GLY A 251 -4.71 -3.89 -1.41
C GLY A 251 -4.52 -5.15 -0.58
N MET A 252 -4.79 -6.29 -1.20
CA MET A 252 -4.64 -7.61 -0.56
C MET A 252 -4.05 -8.64 -1.53
N LEU A 253 -3.20 -9.50 -0.99
CA LEU A 253 -2.54 -10.54 -1.74
C LEU A 253 -2.75 -11.84 -0.97
N VAL A 254 -2.95 -12.92 -1.70
CA VAL A 254 -2.99 -14.22 -1.06
C VAL A 254 -1.56 -14.72 -1.30
N LEU A 255 -0.82 -15.00 -0.22
CA LEU A 255 0.54 -15.53 -0.29
C LEU A 255 0.38 -16.99 0.04
N GLU A 256 1.18 -17.84 -0.60
CA GLU A 256 1.04 -19.28 -0.40
C GLU A 256 2.37 -20.05 -0.54
N GLU A 257 2.57 -21.07 0.28
CA GLU A 257 3.81 -21.85 0.18
C GLU A 257 3.80 -22.50 -1.22
N TYR A 258 4.97 -22.53 -1.86
CA TYR A 258 5.09 -22.98 -3.25
C TYR A 258 4.52 -24.35 -3.59
N GLU A 259 4.96 -25.38 -2.89
CA GLU A 259 4.48 -26.73 -3.17
C GLU A 259 2.97 -26.84 -2.98
N HIS A 260 2.45 -26.13 -1.97
CA HIS A 260 1.00 -26.11 -1.68
C HIS A 260 0.27 -25.50 -2.85
N ALA A 261 0.83 -24.42 -3.42
CA ALA A 261 0.20 -23.76 -4.57
C ALA A 261 0.19 -24.72 -5.78
N LYS A 262 1.34 -25.26 -6.14
CA LYS A 262 1.41 -26.18 -7.28
C LYS A 262 0.43 -27.37 -7.16
N LYS A 263 0.43 -28.04 -6.00
CA LYS A 263 -0.42 -29.19 -5.78
C LYS A 263 -1.92 -28.99 -6.05
N ARG A 264 -2.42 -27.77 -5.82
CA ARG A 264 -3.83 -27.48 -6.06
C ARG A 264 -4.03 -26.81 -7.42
N GLY A 265 -2.97 -26.72 -8.21
CA GLY A 265 -3.04 -26.09 -9.51
C GLY A 265 -3.40 -24.61 -9.39
N ALA A 266 -2.79 -23.92 -8.45
CA ALA A 266 -3.06 -22.49 -8.26
C ALA A 266 -2.44 -21.66 -9.38
N LYS A 267 -3.05 -20.51 -9.66
CA LYS A 267 -2.49 -19.59 -10.64
C LYS A 267 -1.43 -18.81 -9.84
N ILE A 268 -0.21 -18.73 -10.37
CA ILE A 268 0.89 -18.06 -9.66
C ILE A 268 1.31 -16.77 -10.34
N TYR A 269 1.08 -15.63 -9.69
CA TYR A 269 1.45 -14.35 -10.28
C TYR A 269 2.95 -14.05 -10.23
N ALA A 270 3.58 -14.38 -9.11
CA ALA A 270 5.00 -14.11 -8.92
C ALA A 270 5.43 -14.77 -7.63
N GLU A 271 6.72 -14.69 -7.33
CA GLU A 271 7.22 -15.24 -6.09
C GLU A 271 7.74 -14.09 -5.21
N LEU A 272 7.55 -14.18 -3.90
CA LEU A 272 8.09 -13.17 -2.98
C LEU A 272 9.45 -13.72 -2.49
N VAL A 273 10.55 -13.08 -2.89
CA VAL A 273 11.89 -13.59 -2.55
C VAL A 273 12.70 -12.82 -1.52
N GLY A 274 12.35 -11.56 -1.30
CA GLY A 274 13.10 -10.75 -0.35
C GLY A 274 12.27 -9.76 0.43
N PHE A 275 12.66 -9.56 1.68
CA PHE A 275 11.98 -8.62 2.58
C PHE A 275 13.05 -8.01 3.48
N GLY A 276 13.17 -6.69 3.44
CA GLY A 276 14.15 -5.98 4.26
C GLY A 276 13.51 -4.92 5.12
N MET A 277 14.08 -4.68 6.30
CA MET A 277 13.53 -3.66 7.20
C MET A 277 14.64 -2.82 7.79
N SER A 278 14.31 -1.61 8.24
CA SER A 278 15.29 -0.76 8.91
C SER A 278 14.57 0.39 9.60
N SER A 279 15.35 1.17 10.35
CA SER A 279 14.84 2.35 11.05
C SER A 279 15.82 3.49 10.74
N ASP A 280 15.29 4.70 10.50
CA ASP A 280 16.12 5.87 10.19
C ASP A 280 16.82 6.37 11.46
N ALA A 281 16.15 6.26 12.62
CA ALA A 281 16.68 6.74 13.90
C ALA A 281 17.10 8.19 13.75
N TYR A 282 16.29 8.98 13.07
CA TYR A 282 16.59 10.38 12.80
C TYR A 282 15.53 11.38 13.29
N HIS A 283 14.33 11.34 12.72
CA HIS A 283 13.29 12.29 13.08
C HIS A 283 11.93 11.61 12.92
N MET A 284 10.97 12.00 13.75
CA MET A 284 9.63 11.39 13.73
C MET A 284 8.85 11.53 12.43
N THR A 285 9.02 12.65 11.71
CA THR A 285 8.25 12.85 10.48
C THR A 285 9.07 13.26 9.27
N SER A 286 10.37 12.98 9.29
CA SER A 286 11.22 13.30 8.16
C SER A 286 12.40 12.33 8.09
N PRO A 287 12.85 11.99 6.87
CA PRO A 287 14.01 11.10 6.72
C PRO A 287 15.31 11.89 6.79
N PRO A 288 16.44 11.21 6.99
CA PRO A 288 17.70 11.97 6.98
C PRO A 288 18.07 12.30 5.53
N GLU A 289 18.81 13.38 5.29
CA GLU A 289 19.14 13.76 3.90
C GLU A 289 19.81 12.63 3.12
N ASN A 290 20.60 11.87 3.87
CA ASN A 290 21.35 10.69 3.43
C ASN A 290 20.53 9.60 2.76
N GLY A 291 19.31 9.44 3.27
CA GLY A 291 18.44 8.35 2.88
C GLY A 291 19.05 7.04 3.39
N ALA A 292 19.92 7.12 4.40
CA ALA A 292 20.59 5.89 4.90
C ALA A 292 19.65 4.75 5.35
N GLY A 293 18.51 5.09 5.95
CA GLY A 293 17.58 4.06 6.39
C GLY A 293 16.94 3.35 5.18
N ALA A 294 16.48 4.14 4.22
CA ALA A 294 15.90 3.62 2.99
C ALA A 294 16.93 2.70 2.32
N ALA A 295 18.20 3.13 2.27
CA ALA A 295 19.24 2.32 1.64
C ALA A 295 19.40 0.98 2.37
N LEU A 296 19.43 1.03 3.70
CA LEU A 296 19.59 -0.21 4.47
C LEU A 296 18.41 -1.17 4.25
N ALA A 297 17.19 -0.67 4.14
CA ALA A 297 16.04 -1.57 3.92
C ALA A 297 16.20 -2.29 2.58
N MET A 298 16.56 -1.55 1.55
CA MET A 298 16.77 -2.11 0.22
C MET A 298 17.91 -3.14 0.22
N ALA A 299 19.04 -2.76 0.80
CA ALA A 299 20.18 -3.69 0.91
C ALA A 299 19.78 -4.96 1.66
N ASN A 300 18.98 -4.82 2.72
CA ASN A 300 18.56 -5.98 3.50
C ASN A 300 17.66 -6.88 2.66
N ALA A 301 16.78 -6.27 1.86
CA ALA A 301 15.89 -7.03 1.00
C ALA A 301 16.70 -7.76 -0.05
N LEU A 302 17.70 -7.08 -0.63
CA LEU A 302 18.55 -7.71 -1.66
C LEU A 302 19.29 -8.92 -1.10
N ARG A 303 19.84 -8.75 0.10
CA ARG A 303 20.58 -9.83 0.76
C ARG A 303 19.68 -11.01 1.08
N ASP A 304 18.45 -10.70 1.52
CA ASP A 304 17.47 -11.73 1.84
C ASP A 304 17.13 -12.55 0.57
N ALA A 305 17.01 -11.88 -0.58
CA ALA A 305 16.70 -12.54 -1.84
C ALA A 305 17.94 -13.18 -2.49
N GLY A 306 19.13 -12.91 -1.95
CA GLY A 306 20.37 -13.45 -2.49
C GLY A 306 20.74 -12.89 -3.85
N ILE A 307 20.37 -11.63 -4.14
CA ILE A 307 20.66 -11.02 -5.44
C ILE A 307 21.37 -9.69 -5.30
N GLU A 308 21.83 -9.17 -6.45
CA GLU A 308 22.54 -7.90 -6.50
C GLU A 308 21.59 -6.83 -7.01
N ALA A 309 21.86 -5.58 -6.63
CA ALA A 309 21.01 -4.47 -7.03
C ALA A 309 20.81 -4.40 -8.54
N SER A 310 21.86 -4.69 -9.30
CA SER A 310 21.80 -4.65 -10.78
C SER A 310 20.74 -5.57 -11.39
N GLN A 311 20.27 -6.54 -10.62
CA GLN A 311 19.25 -7.47 -11.10
C GLN A 311 17.84 -6.93 -10.98
N ILE A 312 17.65 -5.82 -10.25
CA ILE A 312 16.32 -5.23 -10.13
C ILE A 312 16.02 -4.46 -11.41
N GLY A 313 14.86 -4.70 -12.01
CA GLY A 313 14.51 -3.95 -13.19
C GLY A 313 13.66 -2.71 -12.89
N TYR A 314 12.92 -2.72 -11.79
CA TYR A 314 12.00 -1.63 -11.51
C TYR A 314 11.80 -1.48 -10.02
N VAL A 315 11.83 -0.23 -9.55
CA VAL A 315 11.59 0.08 -8.16
C VAL A 315 10.29 0.89 -8.09
N ASN A 316 9.28 0.38 -7.39
CA ASN A 316 8.08 1.17 -7.16
C ASN A 316 8.41 1.91 -5.84
N ALA A 317 8.68 3.19 -5.98
CA ALA A 317 9.14 4.04 -4.89
C ALA A 317 8.11 4.38 -3.86
N HIS A 318 8.61 4.80 -2.71
CA HIS A 318 7.74 5.31 -1.65
C HIS A 318 7.27 6.67 -2.22
N GLY A 319 8.20 7.49 -2.75
CA GLY A 319 7.92 8.76 -3.42
C GLY A 319 6.56 9.42 -3.24
N THR A 320 6.39 10.10 -2.11
CA THR A 320 5.12 10.71 -1.76
C THR A 320 4.87 12.10 -2.28
N SER A 321 5.88 12.74 -2.87
CA SER A 321 5.72 14.11 -3.37
C SER A 321 6.00 15.17 -2.29
N THR A 322 6.86 14.84 -1.33
CA THR A 322 7.27 15.84 -0.33
C THR A 322 8.67 16.33 -0.72
N PRO A 323 8.98 17.58 -0.39
CA PRO A 323 10.33 18.04 -0.72
C PRO A 323 11.47 17.17 -0.17
N ALA A 324 11.49 16.92 1.14
CA ALA A 324 12.58 16.16 1.71
C ALA A 324 12.50 14.67 1.51
N GLY A 325 11.29 14.11 1.55
CA GLY A 325 11.16 12.66 1.41
C GLY A 325 11.62 12.16 0.04
N ASP A 326 11.19 12.83 -1.02
CA ASP A 326 11.55 12.40 -2.39
C ASP A 326 13.07 12.45 -2.57
N LYS A 327 13.71 13.50 -2.06
CA LYS A 327 15.16 13.62 -2.20
C LYS A 327 15.92 12.49 -1.49
N ALA A 328 15.52 12.16 -0.26
CA ALA A 328 16.20 11.11 0.51
C ALA A 328 16.14 9.76 -0.20
N GLU A 329 14.98 9.43 -0.79
CA GLU A 329 14.87 8.14 -1.47
C GLU A 329 15.73 8.09 -2.74
N ALA A 330 15.79 9.20 -3.47
CA ALA A 330 16.63 9.29 -4.68
C ALA A 330 18.10 9.08 -4.28
N GLN A 331 18.52 9.64 -3.15
CA GLN A 331 19.88 9.43 -2.66
C GLN A 331 20.11 7.97 -2.30
N ALA A 332 19.14 7.36 -1.62
CA ALA A 332 19.22 5.95 -1.22
C ALA A 332 19.29 5.04 -2.45
N VAL A 333 18.51 5.34 -3.49
CA VAL A 333 18.57 4.53 -4.73
C VAL A 333 19.97 4.66 -5.37
N LYS A 334 20.47 5.89 -5.46
CA LYS A 334 21.80 6.11 -6.03
C LYS A 334 22.85 5.28 -5.27
N THR A 335 22.75 5.31 -3.95
CA THR A 335 23.67 4.57 -3.09
C THR A 335 23.68 3.06 -3.31
N ILE A 336 22.50 2.46 -3.33
CA ILE A 336 22.38 1.01 -3.48
C ILE A 336 22.66 0.55 -4.90
N PHE A 337 22.22 1.32 -5.89
CA PHE A 337 22.38 0.92 -7.27
C PHE A 337 23.71 1.28 -7.92
N GLY A 338 24.45 2.20 -7.31
CA GLY A 338 25.76 2.63 -7.77
C GLY A 338 25.77 2.92 -9.26
N GLU A 339 26.71 2.30 -9.97
CA GLU A 339 26.85 2.44 -11.43
C GLU A 339 25.55 2.15 -12.17
N ALA A 340 24.82 1.14 -11.69
CA ALA A 340 23.57 0.72 -12.29
C ALA A 340 22.39 1.68 -12.08
N ALA A 341 22.54 2.62 -11.14
CA ALA A 341 21.48 3.56 -10.80
C ALA A 341 20.66 4.16 -11.95
N SER A 342 21.31 4.50 -13.05
CA SER A 342 20.59 5.08 -14.18
C SER A 342 19.88 4.03 -15.05
N ARG A 343 20.30 2.77 -14.89
CA ARG A 343 19.72 1.65 -15.64
C ARG A 343 18.44 1.06 -15.00
N VAL A 344 18.26 1.26 -13.70
CA VAL A 344 17.05 0.75 -13.05
C VAL A 344 15.93 1.77 -13.31
N LEU A 345 14.70 1.29 -13.49
CA LEU A 345 13.58 2.19 -13.68
C LEU A 345 12.99 2.40 -12.28
N VAL A 346 12.68 3.65 -11.96
CA VAL A 346 12.09 3.98 -10.64
C VAL A 346 10.81 4.77 -10.94
N SER A 347 9.67 4.42 -10.35
CA SER A 347 8.49 5.27 -10.54
C SER A 347 7.63 5.35 -9.29
N SER A 348 6.90 6.46 -9.17
CA SER A 348 5.99 6.61 -8.04
C SER A 348 4.56 6.68 -8.58
N THR A 349 3.80 5.61 -8.33
CA THR A 349 2.40 5.56 -8.73
C THR A 349 1.53 6.48 -7.87
N LYS A 350 2.12 7.03 -6.78
CA LYS A 350 1.34 7.95 -5.96
C LYS A 350 1.09 9.24 -6.77
N SER A 351 1.84 9.43 -7.86
CA SER A 351 1.61 10.59 -8.74
C SER A 351 0.18 10.54 -9.29
N MET A 352 -0.40 9.34 -9.34
CA MET A 352 -1.78 9.16 -9.87
C MET A 352 -2.82 8.81 -8.80
N THR A 353 -2.39 7.96 -7.89
CA THR A 353 -3.23 7.39 -6.86
C THR A 353 -3.30 8.18 -5.53
N GLY A 354 -2.28 8.99 -5.29
CA GLY A 354 -2.18 9.67 -4.03
C GLY A 354 -1.54 8.63 -3.11
N HIS A 355 -1.37 9.00 -1.85
CA HIS A 355 -0.71 8.16 -0.81
C HIS A 355 -1.74 7.42 0.02
N LEU A 356 -1.84 6.09 -0.19
CA LEU A 356 -2.81 5.24 0.51
C LEU A 356 -2.38 4.86 1.94
N LEU A 357 -1.32 5.51 2.44
CA LEU A 357 -0.89 5.30 3.82
C LEU A 357 -0.70 3.81 4.15
N GLY A 358 -1.46 3.28 5.10
CA GLY A 358 -1.32 1.88 5.51
C GLY A 358 -1.60 0.87 4.39
N ALA A 359 -2.29 1.32 3.34
CA ALA A 359 -2.59 0.45 2.19
C ALA A 359 -1.60 0.71 1.04
N ALA A 360 -0.78 1.77 1.14
CA ALA A 360 0.15 2.10 0.05
C ALA A 360 1.07 0.95 -0.36
N GLY A 361 1.73 0.36 0.62
CA GLY A 361 2.65 -0.71 0.37
C GLY A 361 1.95 -1.95 -0.16
N ALA A 362 0.67 -2.09 0.12
CA ALA A 362 -0.10 -3.24 -0.36
C ALA A 362 -0.45 -3.08 -1.85
N VAL A 363 -1.11 -1.99 -2.20
CA VAL A 363 -1.46 -1.75 -3.60
C VAL A 363 -0.19 -1.66 -4.45
N GLU A 364 0.86 -1.05 -3.88
CA GLU A 364 2.12 -0.90 -4.63
C GLU A 364 2.88 -2.21 -4.86
N SER A 365 2.69 -3.20 -3.97
CA SER A 365 3.32 -4.51 -4.17
C SER A 365 2.53 -5.14 -5.32
N ILE A 366 1.23 -4.86 -5.39
CA ILE A 366 0.45 -5.43 -6.49
C ILE A 366 0.96 -4.86 -7.81
N TYR A 367 1.25 -3.56 -7.84
CA TYR A 367 1.77 -2.94 -9.07
C TYR A 367 3.12 -3.56 -9.44
N SER A 368 3.95 -3.80 -8.44
CA SER A 368 5.28 -4.37 -8.65
C SER A 368 5.20 -5.80 -9.24
N ILE A 369 4.12 -6.49 -8.90
CA ILE A 369 3.89 -7.86 -9.37
C ILE A 369 3.36 -7.84 -10.80
N LEU A 370 2.38 -6.96 -11.05
CA LEU A 370 1.81 -6.87 -12.40
C LEU A 370 2.82 -6.35 -13.43
N ALA A 371 3.79 -5.56 -12.98
CA ALA A 371 4.84 -5.04 -13.87
C ALA A 371 5.65 -6.24 -14.39
N LEU A 372 5.83 -7.24 -13.54
CA LEU A 372 6.57 -8.46 -13.92
C LEU A 372 5.73 -9.22 -14.93
N ARG A 373 4.46 -9.41 -14.62
CA ARG A 373 3.57 -10.13 -15.51
C ARG A 373 3.50 -9.52 -16.90
N ASP A 374 3.27 -8.21 -16.94
CA ASP A 374 3.11 -7.50 -18.21
C ASP A 374 4.36 -6.90 -18.85
N GLN A 375 5.49 -6.97 -18.15
CA GLN A 375 6.73 -6.36 -18.63
C GLN A 375 6.48 -4.91 -19.05
N ALA A 376 5.72 -4.20 -18.21
CA ALA A 376 5.38 -2.80 -18.45
C ALA A 376 5.41 -2.08 -17.10
N VAL A 377 5.91 -0.85 -17.10
CA VAL A 377 6.10 -0.07 -15.85
C VAL A 377 5.29 1.23 -15.94
N PRO A 378 4.45 1.52 -14.91
CA PRO A 378 3.65 2.76 -14.94
C PRO A 378 4.51 3.99 -14.67
N PRO A 379 4.11 5.16 -15.19
CA PRO A 379 4.95 6.37 -15.08
C PRO A 379 4.82 7.15 -13.78
N THR A 380 5.77 8.07 -13.55
CA THR A 380 5.61 9.07 -12.50
C THR A 380 5.03 10.24 -13.31
N ILE A 381 3.71 10.47 -13.24
CA ILE A 381 3.11 11.58 -14.00
C ILE A 381 3.46 12.88 -13.30
N ASN A 382 3.25 14.00 -14.00
CA ASN A 382 3.49 15.35 -13.47
C ASN A 382 4.94 15.72 -13.27
N LEU A 383 5.87 14.86 -13.68
CA LEU A 383 7.29 15.16 -13.48
C LEU A 383 7.82 16.11 -14.59
N ASP A 384 7.30 17.34 -14.57
CA ASP A 384 7.66 18.36 -15.56
C ASP A 384 9.07 18.93 -15.49
N ASN A 385 9.51 19.22 -14.26
CA ASN A 385 10.83 19.79 -14.02
C ASN A 385 11.48 19.12 -12.81
N PRO A 386 12.17 18.01 -13.05
CA PRO A 386 12.79 17.23 -11.98
C PRO A 386 13.87 18.00 -11.24
N ASP A 387 14.07 17.65 -9.97
CA ASP A 387 15.11 18.26 -9.17
C ASP A 387 16.43 18.14 -9.97
N GLU A 388 17.30 19.13 -9.84
CA GLU A 388 18.57 19.10 -10.55
C GLU A 388 19.55 18.16 -9.82
N GLY A 389 20.61 17.77 -10.51
CA GLY A 389 21.69 16.97 -9.96
C GLY A 389 21.43 15.50 -9.73
N CYS A 390 20.40 14.95 -10.37
CA CYS A 390 20.07 13.55 -10.19
C CYS A 390 19.87 12.88 -11.55
N ASP A 391 20.56 11.77 -11.79
CA ASP A 391 20.45 11.12 -13.08
C ASP A 391 19.57 9.88 -13.12
N LEU A 392 18.70 9.69 -12.13
CA LEU A 392 17.84 8.50 -12.13
C LEU A 392 16.75 8.61 -13.19
N ASP A 393 16.29 7.44 -13.65
CA ASP A 393 15.20 7.38 -14.62
C ASP A 393 13.92 7.16 -13.82
N PHE A 394 13.16 8.23 -13.62
CA PHE A 394 11.92 8.18 -12.84
C PHE A 394 10.71 7.84 -13.70
N VAL A 395 10.94 7.38 -14.93
CA VAL A 395 9.83 7.05 -15.84
C VAL A 395 8.83 8.20 -15.93
N PRO A 396 9.32 9.41 -16.22
CA PRO A 396 8.33 10.51 -16.26
C PRO A 396 7.26 10.41 -17.34
N HIS A 397 6.07 10.88 -16.98
CA HIS A 397 4.90 11.03 -17.85
C HIS A 397 4.23 9.81 -18.49
N GLU A 398 5.03 8.95 -19.10
CA GLU A 398 4.53 7.83 -19.92
C GLU A 398 5.06 6.44 -19.49
N ALA A 399 4.17 5.45 -19.48
CA ALA A 399 4.53 4.07 -19.13
C ALA A 399 5.67 3.62 -20.03
N ARG A 400 6.41 2.61 -19.60
CA ARG A 400 7.59 2.11 -20.32
C ARG A 400 7.54 0.59 -20.53
N GLN A 401 7.94 0.15 -21.71
CA GLN A 401 7.98 -1.28 -21.97
C GLN A 401 9.33 -1.74 -21.44
N VAL A 402 9.38 -2.92 -20.81
CA VAL A 402 10.66 -3.44 -20.36
C VAL A 402 10.85 -4.78 -21.06
N SER A 403 12.08 -5.25 -21.08
CA SER A 403 12.36 -6.47 -21.78
C SER A 403 12.46 -7.77 -21.00
N GLY A 404 13.59 -8.05 -20.38
CA GLY A 404 13.65 -9.32 -19.67
C GLY A 404 13.73 -9.08 -18.16
N MET A 405 12.74 -8.38 -17.65
CA MET A 405 12.72 -8.01 -16.23
C MET A 405 12.32 -9.21 -15.39
N GLU A 406 13.21 -9.63 -14.49
CA GLU A 406 12.94 -10.77 -13.62
C GLU A 406 12.61 -10.42 -12.16
N TYR A 407 13.03 -9.24 -11.71
CA TYR A 407 12.80 -8.81 -10.32
C TYR A 407 12.31 -7.39 -10.21
N THR A 408 11.39 -7.15 -9.26
CA THR A 408 10.91 -5.79 -8.96
C THR A 408 11.08 -5.57 -7.46
N LEU A 409 11.20 -4.31 -7.08
CA LEU A 409 11.39 -3.97 -5.66
C LEU A 409 10.38 -2.89 -5.29
N CYS A 410 9.71 -3.07 -4.15
CA CYS A 410 8.70 -2.10 -3.69
C CYS A 410 9.15 -1.50 -2.35
N ASN A 411 9.26 -0.17 -2.29
CA ASN A 411 9.65 0.52 -1.06
C ASN A 411 8.43 1.15 -0.39
N SER A 412 8.43 1.15 0.93
CA SER A 412 7.36 1.82 1.67
C SER A 412 8.00 2.28 2.98
N PHE A 413 7.90 3.58 3.28
CA PHE A 413 8.56 4.14 4.48
C PHE A 413 7.49 4.76 5.33
N GLY A 414 7.77 4.95 6.62
CA GLY A 414 6.71 5.49 7.47
C GLY A 414 7.15 6.45 8.57
N PHE A 415 6.19 7.25 9.04
CA PHE A 415 6.46 8.18 10.17
C PHE A 415 7.06 7.28 11.25
N GLY A 416 8.00 7.83 12.03
CA GLY A 416 8.72 7.11 13.07
C GLY A 416 10.01 6.56 12.49
N GLY A 417 10.26 6.83 11.21
CA GLY A 417 11.45 6.35 10.53
C GLY A 417 11.51 4.87 10.25
N THR A 418 10.36 4.21 10.17
CA THR A 418 10.35 2.78 9.95
C THR A 418 10.30 2.48 8.46
N ASN A 419 11.23 1.65 7.98
CA ASN A 419 11.32 1.37 6.55
C ASN A 419 11.15 -0.09 6.20
N GLY A 420 10.64 -0.35 4.99
CA GLY A 420 10.45 -1.72 4.51
C GLY A 420 10.61 -1.80 2.99
N SER A 421 11.14 -2.92 2.52
CA SER A 421 11.35 -3.15 1.09
C SER A 421 11.00 -4.61 0.79
N LEU A 422 10.29 -4.85 -0.32
CA LEU A 422 9.99 -6.23 -0.70
C LEU A 422 10.53 -6.44 -2.13
N ILE A 423 10.96 -7.66 -2.42
CA ILE A 423 11.45 -8.00 -3.77
C ILE A 423 10.63 -9.18 -4.33
N PHE A 424 10.04 -8.97 -5.51
CA PHE A 424 9.26 -9.99 -6.19
C PHE A 424 10.07 -10.51 -7.38
N LYS A 425 9.92 -11.79 -7.68
CA LYS A 425 10.62 -12.43 -8.80
C LYS A 425 9.61 -13.04 -9.76
N LYS A 426 9.88 -12.90 -11.05
CA LYS A 426 8.96 -13.43 -12.04
C LYS A 426 9.00 -14.96 -11.96
N ILE A 427 7.82 -15.57 -12.03
CA ILE A 427 7.66 -17.03 -11.96
C ILE A 427 8.20 -17.77 -10.74
#